data_7STR
#
_entry.id   7STR
#
_cell.length_a   54.021
_cell.length_b   67.134
_cell.length_c   84.459
_cell.angle_alpha   90.000
_cell.angle_beta   107.022
_cell.angle_gamma   90.000
#
_symmetry.space_group_name_H-M   'P 1 21 1'
#
loop_
_entity.id
_entity.type
_entity.pdbx_description
1 polymer 'Fab S24-1063, Light chain'
2 polymer 'Fab S24-1063, Heavy chain'
3 polymer Nucleoprotein
4 non-polymer 1,2-ETHANEDIOL
5 water water
#
loop_
_entity_poly.entity_id
_entity_poly.type
_entity_poly.pdbx_seq_one_letter_code
_entity_poly.pdbx_strand_id
1 'polypeptide(L)'
;EIVLTQSPGTLSLSPGERATLSCRASQSVSSSYLAWYQQKPGQAPRLLIYGASSRATDIPDRFSGSGSGTDFTLTISRLE
PEDFAVYYCQQYGSSPWTFGQGTKVEIKRTVAAPSVFIFPPSDEQLKSGTASVVCLLNNFYPREAKVQWKVDNALQSGNS
QESVTEQDSKDSTYSLSSTLTLSKADYEKHKVYACEVTHQGLSSPVTKSFNRGEC
;
L
2 'polypeptide(L)'
;QVQLQESGPGLVKPSETLSLTCTVSGGSISSYYWSWIRQPPGKGLEWIGYIYYSGSTKYNPSLKSRVTISVDTSKNQFSL
KLTSVTAADTAVYYCARIYDSSGYYHPVFDYWGQGTLVTVSSASTKGPSVFPLAPSSKSTSGGTAALGCLVKDYFPEPVT
VSWNSGALTSGVHTFPAVLQSSGLYSLSSVVTVPSSSLGTQTYICNVNHKPSNTKVDKRVEP
;
H
3 'polypeptide(L)'
;SNMNNTASWFTALTQHGKEDLKFPRGQGVPINTNSSPDDQIGYYRRATRRIRGGDGKMKDLSPRWYFYYLGTGPEAGLPY
GANKDGIIWVATEGALNTPKDHIGTRNPANNAAIVLQLPQGTTLPKGFYA
;
C
#
# COMPACT_ATOMS: atom_id res chain seq x y z
N GLU A 1 1.50 -8.09 19.28
CA GLU A 1 1.31 -6.92 18.44
C GLU A 1 -0.15 -6.47 18.45
N ILE A 2 -0.39 -5.22 18.07
CA ILE A 2 -1.76 -4.73 17.93
C ILE A 2 -2.28 -5.14 16.57
N VAL A 3 -3.42 -5.81 16.58
CA VAL A 3 -4.07 -6.24 15.36
C VAL A 3 -5.19 -5.27 15.03
N LEU A 4 -5.24 -4.83 13.78
CA LEU A 4 -6.27 -3.92 13.30
C LEU A 4 -7.21 -4.72 12.41
N THR A 5 -8.49 -4.70 12.75
CA THR A 5 -9.51 -5.38 11.96
C THR A 5 -10.39 -4.35 11.27
N GLN A 6 -10.43 -4.40 9.94
CA GLN A 6 -11.25 -3.47 9.16
C GLN A 6 -12.58 -4.10 8.75
N SER A 7 -13.65 -3.30 8.81
CA SER A 7 -15.00 -3.69 8.40
C SER A 7 -15.64 -2.57 7.60
N PRO A 8 -16.48 -2.90 6.61
CA PRO A 8 -16.61 -4.27 6.09
C PRO A 8 -15.39 -4.57 5.22
N GLY A 9 -15.19 -5.80 4.76
CA GLY A 9 -14.05 -6.05 3.88
C GLY A 9 -14.21 -5.41 2.52
N THR A 10 -15.44 -5.31 2.03
N THR A 10 -15.45 -5.31 2.03
CA THR A 10 -15.75 -4.64 0.77
CA THR A 10 -15.77 -4.66 0.78
C THR A 10 -16.97 -3.76 0.98
C THR A 10 -16.96 -3.75 1.00
N LEU A 11 -17.02 -2.67 0.22
CA LEU A 11 -18.11 -1.72 0.28
C LEU A 11 -18.47 -1.39 -1.16
N SER A 12 -19.75 -1.25 -1.46
CA SER A 12 -20.17 -0.91 -2.82
C SER A 12 -21.22 0.17 -2.73
N LEU A 13 -20.92 1.35 -3.25
CA LEU A 13 -21.72 2.54 -2.99
C LEU A 13 -21.75 3.39 -4.24
N SER A 14 -22.85 4.15 -4.40
CA SER A 14 -23.01 5.02 -5.55
C SER A 14 -22.25 6.32 -5.37
N PRO A 15 -21.77 6.93 -6.45
CA PRO A 15 -21.19 8.28 -6.35
C PRO A 15 -22.18 9.23 -5.68
N GLY A 16 -21.63 10.11 -4.83
CA GLY A 16 -22.43 11.01 -4.04
C GLY A 16 -22.82 10.46 -2.69
N GLU A 17 -22.71 9.15 -2.50
CA GLU A 17 -23.01 8.60 -1.19
C GLU A 17 -21.86 8.91 -0.23
N ARG A 18 -22.16 8.72 1.04
CA ARG A 18 -21.19 8.82 2.10
C ARG A 18 -20.75 7.41 2.48
N ALA A 19 -19.44 7.18 2.53
CA ALA A 19 -18.88 5.89 2.89
C ALA A 19 -18.33 5.95 4.31
N THR A 20 -18.59 4.90 5.09
CA THR A 20 -18.08 4.76 6.46
C THR A 20 -17.25 3.49 6.53
N LEU A 21 -15.97 3.65 6.87
CA LEU A 21 -15.01 2.56 6.97
C LEU A 21 -14.60 2.39 8.43
N SER A 22 -14.67 1.17 8.93
CA SER A 22 -14.37 0.89 10.33
C SER A 22 -12.99 0.27 10.48
N CYS A 23 -12.28 0.66 11.53
CA CYS A 23 -11.00 0.07 11.90
C CYS A 23 -11.00 -0.12 13.41
N ARG A 24 -10.89 -1.36 13.88
CA ARG A 24 -10.93 -1.67 15.30
C ARG A 24 -9.66 -2.37 15.75
N ALA A 25 -9.08 -1.90 16.85
CA ALA A 25 -7.79 -2.36 17.34
C ALA A 25 -7.94 -3.36 18.49
N SER A 26 -6.94 -4.23 18.65
CA SER A 26 -6.99 -5.22 19.70
C SER A 26 -6.57 -4.67 21.06
N GLN A 27 -5.94 -3.51 21.08
CA GLN A 27 -5.54 -2.80 22.28
C GLN A 27 -5.64 -1.32 21.95
N SER A 28 -5.75 -0.48 22.99
CA SER A 28 -5.91 0.97 22.78
C SER A 28 -4.70 1.58 22.12
N VAL A 29 -4.94 2.50 21.17
CA VAL A 29 -3.86 3.28 20.60
C VAL A 29 -4.12 4.77 20.81
N SER A 30 -4.85 5.10 21.86
CA SER A 30 -5.00 6.48 22.34
C SER A 30 -5.67 7.29 21.22
N SER A 31 -5.29 8.55 21.01
CA SER A 31 -6.12 9.38 20.14
C SER A 31 -5.36 10.06 19.02
N SER A 32 -4.12 9.65 18.76
CA SER A 32 -3.35 10.38 17.76
C SER A 32 -2.36 9.47 17.05
N TYR A 33 -2.53 8.15 17.10
CA TYR A 33 -1.52 7.24 16.58
C TYR A 33 -2.09 6.34 15.51
N LEU A 34 -2.95 6.90 14.68
CA LEU A 34 -3.61 6.11 13.65
C LEU A 34 -3.56 6.89 12.34
N ALA A 35 -3.25 6.21 11.25
CA ALA A 35 -3.27 6.81 9.92
C ALA A 35 -4.15 6.00 8.99
N TRP A 36 -4.61 6.64 7.93
CA TRP A 36 -5.30 5.97 6.85
C TRP A 36 -4.57 6.24 5.54
N TYR A 37 -4.41 5.20 4.72
CA TYR A 37 -3.77 5.26 3.43
C TYR A 37 -4.75 4.76 2.38
N GLN A 38 -4.66 5.34 1.18
CA GLN A 38 -5.45 4.93 0.03
C GLN A 38 -4.54 4.25 -0.98
N GLN A 39 -4.94 3.09 -1.52
CA GLN A 39 -4.11 2.40 -2.52
C GLN A 39 -4.94 2.03 -3.73
N LYS A 40 -4.61 2.62 -4.84
CA LYS A 40 -5.19 2.28 -6.14
C LYS A 40 -4.38 1.19 -6.82
N PRO A 41 -4.97 0.47 -7.77
CA PRO A 41 -4.27 -0.70 -8.35
C PRO A 41 -2.94 -0.32 -8.97
N GLY A 42 -1.92 -1.10 -8.65
CA GLY A 42 -0.60 -0.92 -9.21
C GLY A 42 0.21 0.19 -8.60
N GLN A 43 -0.36 0.95 -7.68
CA GLN A 43 0.28 2.13 -7.11
C GLN A 43 0.67 1.88 -5.66
N ALA A 44 1.61 2.70 -5.18
CA ALA A 44 1.93 2.73 -3.78
C ALA A 44 0.76 3.33 -3.02
N PRO A 45 0.63 3.02 -1.72
CA PRO A 45 -0.36 3.72 -0.89
C PRO A 45 -0.05 5.21 -0.80
N ARG A 46 -1.09 5.97 -0.46
CA ARG A 46 -1.00 7.42 -0.32
C ARG A 46 -1.67 7.86 0.97
N LEU A 47 -0.97 8.69 1.75
CA LEU A 47 -1.49 9.18 3.03
C LEU A 47 -2.79 9.98 2.84
N LEU A 48 -3.82 9.63 3.62
CA LEU A 48 -5.05 10.42 3.70
C LEU A 48 -5.15 11.19 5.01
N ILE A 49 -5.08 10.49 6.13
CA ILE A 49 -5.38 10.96 7.48
C ILE A 49 -4.24 10.52 8.36
N TYR A 50 -3.84 11.34 9.35
CA TYR A 50 -2.88 10.91 10.35
C TYR A 50 -3.29 11.48 11.70
N GLY A 51 -2.69 10.96 12.77
CA GLY A 51 -3.04 11.50 14.08
C GLY A 51 -4.47 11.22 14.45
N ALA A 52 -5.01 10.11 13.91
CA ALA A 52 -6.42 9.68 13.97
C ALA A 52 -7.40 10.63 13.27
N SER A 53 -7.18 11.94 13.39
CA SER A 53 -8.17 12.90 12.90
C SER A 53 -7.61 14.04 12.07
N SER A 54 -6.30 14.07 11.79
CA SER A 54 -5.71 15.17 11.02
C SER A 54 -5.61 14.79 9.54
N ARG A 55 -5.92 15.70 8.67
CA ARG A 55 -6.01 15.36 7.25
C ARG A 55 -4.74 15.80 6.54
N ALA A 56 -4.22 14.95 5.65
CA ALA A 56 -3.09 15.35 4.83
C ALA A 56 -3.48 16.52 3.93
N THR A 57 -2.49 17.36 3.63
CA THR A 57 -2.80 18.69 3.09
C THR A 57 -3.31 18.64 1.64
N ASP A 58 -2.92 17.63 0.87
CA ASP A 58 -3.35 17.49 -0.52
C ASP A 58 -4.64 16.69 -0.65
N ILE A 59 -5.26 16.35 0.46
CA ILE A 59 -6.45 15.52 0.49
C ILE A 59 -7.64 16.42 0.77
N PRO A 60 -8.74 16.31 0.02
CA PRO A 60 -9.87 17.22 0.26
C PRO A 60 -10.63 16.89 1.53
N ASP A 61 -11.37 17.88 2.03
CA ASP A 61 -11.96 17.74 3.36
C ASP A 61 -13.20 16.85 3.37
N ARG A 62 -13.56 16.25 2.24
CA ARG A 62 -14.58 15.22 2.32
C ARG A 62 -14.05 13.93 2.93
N PHE A 63 -12.72 13.79 3.10
CA PHE A 63 -12.17 12.70 3.89
C PHE A 63 -11.98 13.16 5.33
N SER A 64 -12.48 12.37 6.30
CA SER A 64 -12.25 12.72 7.69
C SER A 64 -12.13 11.47 8.54
N GLY A 65 -11.29 11.56 9.55
CA GLY A 65 -11.03 10.45 10.45
C GLY A 65 -11.54 10.82 11.82
N SER A 66 -12.05 9.82 12.54
CA SER A 66 -12.49 10.03 13.90
C SER A 66 -12.21 8.77 14.73
N GLY A 67 -12.41 8.89 16.04
CA GLY A 67 -12.33 7.79 16.96
C GLY A 67 -11.17 7.94 17.94
N SER A 68 -11.14 6.99 18.88
CA SER A 68 -10.13 7.00 19.93
C SER A 68 -10.13 5.65 20.63
N GLY A 69 -9.01 5.37 21.30
CA GLY A 69 -8.87 4.11 22.01
C GLY A 69 -8.68 2.96 21.02
N THR A 70 -9.73 2.16 20.79
CA THR A 70 -9.68 1.04 19.85
C THR A 70 -10.61 1.19 18.64
N ASP A 71 -11.47 2.21 18.60
CA ASP A 71 -12.54 2.24 17.61
C ASP A 71 -12.39 3.44 16.69
N PHE A 72 -12.10 3.20 15.40
CA PHE A 72 -11.76 4.27 14.47
C PHE A 72 -12.59 4.20 13.20
N THR A 73 -12.82 5.37 12.61
CA THR A 73 -13.66 5.46 11.42
C THR A 73 -13.01 6.38 10.42
N LEU A 74 -13.07 6.01 9.14
CA LEU A 74 -12.79 6.92 8.03
C LEU A 74 -14.09 7.18 7.32
N THR A 75 -14.44 8.45 7.15
CA THR A 75 -15.65 8.84 6.44
C THR A 75 -15.24 9.51 5.15
N ILE A 76 -15.86 9.09 4.05
CA ILE A 76 -15.66 9.68 2.74
C ILE A 76 -17.02 10.19 2.28
N SER A 77 -17.15 11.49 2.18
N SER A 77 -17.17 11.50 2.21
CA SER A 77 -18.37 12.04 1.66
CA SER A 77 -18.40 12.06 1.69
C SER A 77 -18.27 12.25 0.16
C SER A 77 -18.27 12.34 0.19
N ARG A 78 -19.42 12.39 -0.48
CA ARG A 78 -19.50 12.67 -1.92
C ARG A 78 -18.60 11.71 -2.71
N LEU A 79 -18.79 10.42 -2.45
CA LEU A 79 -17.99 9.40 -3.14
C LEU A 79 -17.98 9.65 -4.65
N GLU A 80 -16.83 9.40 -5.26
CA GLU A 80 -16.54 9.60 -6.68
C GLU A 80 -16.06 8.29 -7.30
N PRO A 81 -16.23 8.10 -8.60
CA PRO A 81 -15.71 6.85 -9.20
C PRO A 81 -14.22 6.71 -8.97
N GLU A 82 -13.48 7.82 -8.95
N GLU A 82 -13.49 7.82 -8.94
CA GLU A 82 -12.04 7.74 -8.73
CA GLU A 82 -12.05 7.75 -8.73
C GLU A 82 -11.68 7.40 -7.29
C GLU A 82 -11.71 7.26 -7.33
N ASP A 83 -12.66 7.28 -6.39
CA ASP A 83 -12.39 6.84 -5.04
C ASP A 83 -12.31 5.32 -4.93
N PHE A 84 -12.53 4.58 -6.02
CA PHE A 84 -12.25 3.16 -6.03
C PHE A 84 -10.82 2.89 -5.60
N ALA A 85 -10.65 2.07 -4.57
CA ALA A 85 -9.35 1.85 -3.97
C ALA A 85 -9.52 0.89 -2.81
N VAL A 86 -8.39 0.44 -2.28
CA VAL A 86 -8.36 -0.22 -1.01
C VAL A 86 -7.89 0.83 -0.03
N TYR A 87 -8.64 0.97 1.05
CA TYR A 87 -8.32 1.89 2.14
C TYR A 87 -7.79 1.08 3.31
N TYR A 88 -6.57 1.45 3.79
CA TYR A 88 -5.93 0.78 4.91
C TYR A 88 -5.83 1.70 6.10
N CYS A 89 -6.14 1.19 7.26
CA CYS A 89 -5.75 1.90 8.48
C CYS A 89 -4.42 1.34 8.96
N GLN A 90 -3.69 2.16 9.72
CA GLN A 90 -2.37 1.77 10.22
C GLN A 90 -2.15 2.42 11.56
N GLN A 91 -1.63 1.66 12.53
CA GLN A 91 -1.39 2.22 13.85
C GLN A 91 0.10 2.31 14.09
N TYR A 92 0.45 3.37 14.82
CA TYR A 92 1.79 3.57 15.34
C TYR A 92 1.74 3.88 16.83
N GLY A 93 0.74 3.34 17.52
CA GLY A 93 0.64 3.41 18.96
C GLY A 93 1.38 2.34 19.70
N SER A 94 2.01 1.43 18.97
CA SER A 94 2.65 0.27 19.54
C SER A 94 3.62 -0.29 18.51
N SER A 95 4.73 -0.84 18.98
CA SER A 95 5.63 -1.49 18.03
C SER A 95 5.38 -2.99 18.03
N PRO A 96 5.28 -3.66 16.88
CA PRO A 96 5.50 -3.07 15.56
C PRO A 96 4.32 -2.30 15.07
N TRP A 97 4.59 -1.30 14.25
CA TRP A 97 3.52 -0.67 13.47
C TRP A 97 2.82 -1.73 12.62
N THR A 98 1.49 -1.64 12.54
CA THR A 98 0.70 -2.63 11.81
C THR A 98 -0.40 -1.95 11.02
N PHE A 99 -0.77 -2.59 9.91
CA PHE A 99 -1.87 -2.19 9.04
C PHE A 99 -3.06 -3.13 9.22
N GLY A 100 -4.25 -2.59 9.00
CA GLY A 100 -5.40 -3.45 8.75
C GLY A 100 -5.28 -4.15 7.41
N GLN A 101 -6.22 -5.07 7.15
CA GLN A 101 -6.21 -5.82 5.92
C GLN A 101 -6.94 -5.11 4.78
N GLY A 102 -7.50 -3.94 5.03
CA GLY A 102 -8.07 -3.11 3.97
C GLY A 102 -9.58 -3.26 3.81
N THR A 103 -10.21 -2.19 3.34
CA THR A 103 -11.57 -2.21 2.86
C THR A 103 -11.52 -1.76 1.42
N LYS A 104 -11.99 -2.60 0.50
CA LYS A 104 -12.04 -2.23 -0.90
C LYS A 104 -13.38 -1.56 -1.18
N VAL A 105 -13.34 -0.36 -1.72
CA VAL A 105 -14.53 0.43 -1.98
C VAL A 105 -14.78 0.37 -3.48
N GLU A 106 -15.86 -0.29 -3.87
CA GLU A 106 -16.32 -0.38 -5.25
C GLU A 106 -17.36 0.71 -5.49
N ILE A 107 -17.34 1.27 -6.69
CA ILE A 107 -18.29 2.31 -7.07
C ILE A 107 -19.41 1.70 -7.91
N LYS A 108 -20.65 1.86 -7.44
CA LYS A 108 -21.82 1.37 -8.16
C LYS A 108 -22.10 2.23 -9.38
N ARG A 109 -22.62 1.59 -10.42
CA ARG A 109 -23.06 2.29 -11.64
C ARG A 109 -24.20 1.50 -12.27
N THR A 110 -24.72 2.01 -13.38
N THR A 110 -24.71 2.01 -13.38
CA THR A 110 -25.79 1.33 -14.09
CA THR A 110 -25.79 1.35 -14.10
C THR A 110 -25.27 0.04 -14.71
C THR A 110 -25.29 0.06 -14.75
N VAL A 111 -26.19 -0.93 -14.85
CA VAL A 111 -25.84 -2.19 -15.46
C VAL A 111 -25.40 -1.94 -16.89
N ALA A 112 -24.28 -2.55 -17.27
CA ALA A 112 -23.77 -2.46 -18.64
C ALA A 112 -23.44 -3.87 -19.11
N ALA A 113 -24.07 -4.28 -20.20
CA ALA A 113 -23.76 -5.58 -20.77
C ALA A 113 -22.35 -5.59 -21.36
N PRO A 114 -21.66 -6.72 -21.31
CA PRO A 114 -20.36 -6.82 -21.99
C PRO A 114 -20.50 -6.77 -23.50
N SER A 115 -19.49 -6.16 -24.12
CA SER A 115 -19.22 -6.43 -25.54
C SER A 115 -18.35 -7.68 -25.61
N VAL A 116 -18.70 -8.61 -26.48
CA VAL A 116 -18.03 -9.92 -26.53
C VAL A 116 -17.25 -10.03 -27.83
N PHE A 117 -15.97 -10.39 -27.71
CA PHE A 117 -15.07 -10.61 -28.84
C PHE A 117 -14.39 -11.96 -28.69
N ILE A 118 -14.11 -12.62 -29.83
CA ILE A 118 -13.43 -13.92 -29.78
C ILE A 118 -12.25 -13.90 -30.73
N PHE A 119 -11.15 -14.52 -30.31
CA PHE A 119 -9.88 -14.51 -31.04
C PHE A 119 -9.42 -15.95 -31.23
N PRO A 120 -9.29 -16.43 -32.46
CA PRO A 120 -8.69 -17.74 -32.69
C PRO A 120 -7.22 -17.73 -32.33
N PRO A 121 -6.58 -18.89 -32.21
CA PRO A 121 -5.13 -18.89 -32.08
C PRO A 121 -4.48 -18.30 -33.31
N SER A 122 -3.37 -17.60 -33.08
CA SER A 122 -2.57 -17.07 -34.18
C SER A 122 -1.88 -18.20 -34.93
N ASP A 123 -1.59 -17.94 -36.22
CA ASP A 123 -0.82 -18.92 -36.96
C ASP A 123 0.57 -19.12 -36.35
N GLU A 124 1.14 -18.06 -35.76
CA GLU A 124 2.44 -18.19 -35.11
C GLU A 124 2.38 -19.21 -33.98
N GLN A 125 1.39 -19.09 -33.11
CA GLN A 125 1.30 -20.02 -31.99
C GLN A 125 1.03 -21.43 -32.50
N LEU A 126 0.16 -21.55 -33.50
CA LEU A 126 -0.17 -22.87 -34.01
C LEU A 126 1.06 -23.59 -34.52
N LYS A 127 1.98 -22.86 -35.16
CA LYS A 127 3.24 -23.48 -35.60
C LYS A 127 3.90 -24.25 -34.47
N SER A 128 3.90 -23.67 -33.26
CA SER A 128 4.63 -24.27 -32.14
C SER A 128 3.99 -25.57 -31.67
N GLY A 129 2.67 -25.67 -31.75
CA GLY A 129 2.01 -26.92 -31.40
C GLY A 129 0.92 -26.79 -30.36
N THR A 130 0.52 -25.54 -30.07
N THR A 130 0.55 -25.55 -30.06
CA THR A 130 -0.48 -25.26 -29.06
CA THR A 130 -0.46 -25.23 -29.06
C THR A 130 -1.43 -24.21 -29.59
C THR A 130 -1.45 -24.23 -29.65
N ALA A 131 -2.64 -24.18 -29.06
CA ALA A 131 -3.68 -23.25 -29.49
C ALA A 131 -4.31 -22.62 -28.26
N SER A 132 -4.27 -21.29 -28.18
CA SER A 132 -4.98 -20.53 -27.15
C SER A 132 -6.12 -19.82 -27.86
N VAL A 133 -7.34 -20.06 -27.39
CA VAL A 133 -8.52 -19.34 -27.89
C VAL A 133 -8.96 -18.35 -26.81
N VAL A 134 -9.14 -17.09 -27.16
CA VAL A 134 -9.41 -16.05 -26.18
C VAL A 134 -10.78 -15.45 -26.42
N CYS A 135 -11.58 -15.40 -25.38
CA CYS A 135 -12.86 -14.69 -25.36
C CYS A 135 -12.75 -13.49 -24.43
N LEU A 136 -13.14 -12.32 -24.93
CA LEU A 136 -13.05 -11.06 -24.20
C LEU A 136 -14.44 -10.52 -23.94
N LEU A 137 -14.73 -10.18 -22.68
CA LEU A 137 -15.95 -9.49 -22.26
C LEU A 137 -15.52 -8.10 -21.84
N ASN A 138 -15.94 -7.07 -22.58
CA ASN A 138 -15.35 -5.76 -22.37
C ASN A 138 -16.35 -4.77 -21.77
N ASN A 139 -15.92 -4.10 -20.70
CA ASN A 139 -16.56 -2.91 -20.14
C ASN A 139 -18.00 -3.16 -19.67
N PHE A 140 -18.12 -4.06 -18.71
CA PHE A 140 -19.43 -4.45 -18.20
C PHE A 140 -19.57 -4.15 -16.71
N TYR A 141 -20.82 -4.17 -16.25
CA TYR A 141 -21.12 -4.00 -14.83
C TYR A 141 -22.47 -4.65 -14.55
N PRO A 142 -22.63 -5.43 -13.46
CA PRO A 142 -21.69 -5.70 -12.38
C PRO A 142 -20.63 -6.73 -12.76
N ARG A 143 -19.72 -7.03 -11.83
CA ARG A 143 -18.59 -7.89 -12.15
C ARG A 143 -19.02 -9.32 -12.44
N GLU A 144 -20.10 -9.78 -11.83
CA GLU A 144 -20.53 -11.16 -11.96
C GLU A 144 -20.85 -11.50 -13.41
N ALA A 145 -20.23 -12.55 -13.92
CA ALA A 145 -20.44 -12.97 -15.29
C ALA A 145 -20.08 -14.44 -15.40
N LYS A 146 -20.73 -15.13 -16.33
CA LYS A 146 -20.48 -16.54 -16.57
C LYS A 146 -20.07 -16.72 -18.03
N VAL A 147 -18.95 -17.41 -18.25
CA VAL A 147 -18.40 -17.64 -19.57
C VAL A 147 -18.17 -19.13 -19.72
N GLN A 148 -18.78 -19.73 -20.75
CA GLN A 148 -18.62 -21.14 -21.02
C GLN A 148 -18.14 -21.33 -22.45
N TRP A 149 -17.28 -22.31 -22.63
CA TRP A 149 -16.72 -22.66 -23.93
C TRP A 149 -17.46 -23.87 -24.48
N LYS A 150 -17.79 -23.82 -25.77
CA LYS A 150 -18.25 -25.00 -26.47
C LYS A 150 -17.39 -25.21 -27.71
N VAL A 151 -16.99 -26.46 -27.93
CA VAL A 151 -16.21 -26.83 -29.10
C VAL A 151 -16.99 -27.92 -29.82
N ASP A 152 -17.45 -27.64 -31.03
CA ASP A 152 -18.40 -28.51 -31.74
C ASP A 152 -19.52 -28.97 -30.80
N ASN A 153 -20.04 -28.00 -30.05
N ASN A 153 -20.03 -28.00 -30.05
CA ASN A 153 -21.16 -28.14 -29.13
CA ASN A 153 -21.15 -28.13 -29.12
C ASN A 153 -20.83 -28.97 -27.89
C ASN A 153 -20.83 -28.94 -27.88
N ALA A 154 -19.57 -29.29 -27.66
CA ALA A 154 -19.17 -29.97 -26.43
C ALA A 154 -18.85 -28.90 -25.39
N LEU A 155 -19.54 -28.94 -24.26
CA LEU A 155 -19.28 -27.98 -23.18
C LEU A 155 -17.93 -28.32 -22.56
N GLN A 156 -17.05 -27.32 -22.48
CA GLN A 156 -15.72 -27.54 -21.94
C GLN A 156 -15.75 -27.31 -20.43
N SER A 157 -15.05 -28.15 -19.70
CA SER A 157 -14.85 -27.86 -18.28
C SER A 157 -13.44 -28.25 -17.89
N GLY A 158 -12.75 -27.33 -17.25
CA GLY A 158 -11.45 -27.59 -16.70
C GLY A 158 -10.29 -27.22 -17.60
N ASN A 159 -10.55 -26.72 -18.81
CA ASN A 159 -9.46 -26.37 -19.71
C ASN A 159 -9.47 -24.90 -20.09
N SER A 160 -10.05 -24.04 -19.25
CA SER A 160 -9.98 -22.62 -19.47
C SER A 160 -9.64 -21.90 -18.19
N GLN A 161 -9.08 -20.71 -18.34
CA GLN A 161 -8.80 -19.85 -17.19
C GLN A 161 -9.27 -18.44 -17.49
N GLU A 162 -9.80 -17.79 -16.46
CA GLU A 162 -10.35 -16.45 -16.50
C GLU A 162 -9.47 -15.48 -15.74
N SER A 163 -9.50 -14.22 -16.21
CA SER A 163 -8.87 -13.11 -15.52
C SER A 163 -9.79 -11.89 -15.63
N VAL A 164 -9.88 -11.08 -14.57
CA VAL A 164 -10.74 -9.91 -14.53
C VAL A 164 -9.94 -8.69 -14.11
N THR A 165 -10.17 -7.56 -14.78
CA THR A 165 -9.51 -6.32 -14.39
C THR A 165 -10.12 -5.77 -13.11
N GLU A 166 -9.35 -4.90 -12.45
CA GLU A 166 -9.88 -4.11 -11.37
C GLU A 166 -10.85 -3.08 -11.95
N GLN A 167 -11.77 -2.65 -11.10
CA GLN A 167 -12.77 -1.69 -11.54
C GLN A 167 -12.11 -0.48 -12.15
N ASP A 168 -12.63 -0.07 -13.30
CA ASP A 168 -12.09 1.11 -13.94
C ASP A 168 -12.34 2.35 -13.08
N SER A 169 -11.32 3.19 -12.92
CA SER A 169 -11.44 4.36 -12.04
C SER A 169 -12.35 5.45 -12.63
N LYS A 170 -12.59 5.45 -13.93
CA LYS A 170 -13.41 6.47 -14.57
C LYS A 170 -14.83 6.02 -14.83
N ASP A 171 -15.01 4.85 -15.46
CA ASP A 171 -16.34 4.42 -15.86
C ASP A 171 -16.87 3.27 -15.01
N SER A 172 -16.10 2.83 -14.03
CA SER A 172 -16.57 1.88 -13.02
C SER A 172 -16.94 0.54 -13.63
N THR A 173 -16.45 0.23 -14.82
CA THR A 173 -16.70 -1.06 -15.43
C THR A 173 -15.52 -2.02 -15.22
N TYR A 174 -15.80 -3.27 -15.55
CA TYR A 174 -14.87 -4.38 -15.50
C TYR A 174 -14.70 -4.97 -16.90
N SER A 175 -13.56 -5.61 -17.14
CA SER A 175 -13.42 -6.45 -18.32
C SER A 175 -12.86 -7.81 -17.90
N LEU A 176 -13.08 -8.81 -18.74
CA LEU A 176 -12.76 -10.18 -18.38
C LEU A 176 -12.25 -10.92 -19.61
N SER A 177 -11.22 -11.74 -19.44
CA SER A 177 -10.81 -12.65 -20.50
C SER A 177 -10.98 -14.09 -20.05
N SER A 178 -11.38 -14.94 -20.99
CA SER A 178 -11.37 -16.38 -20.77
C SER A 178 -10.51 -17.00 -21.86
N THR A 179 -9.55 -17.84 -21.48
CA THR A 179 -8.63 -18.44 -22.43
C THR A 179 -8.79 -19.95 -22.38
N LEU A 180 -9.14 -20.53 -23.53
CA LEU A 180 -9.23 -21.96 -23.73
C LEU A 180 -7.92 -22.46 -24.33
N THR A 181 -7.30 -23.46 -23.69
CA THR A 181 -6.05 -24.00 -24.18
C THR A 181 -6.23 -25.42 -24.67
N LEU A 182 -5.74 -25.69 -25.88
CA LEU A 182 -5.82 -27.00 -26.52
C LEU A 182 -4.51 -27.26 -27.24
N SER A 183 -4.19 -28.53 -27.42
CA SER A 183 -3.08 -28.88 -28.29
C SER A 183 -3.43 -28.54 -29.74
N LYS A 184 -2.39 -28.38 -30.57
CA LYS A 184 -2.62 -28.19 -32.00
C LYS A 184 -3.43 -29.33 -32.60
N ALA A 185 -3.10 -30.57 -32.23
CA ALA A 185 -3.83 -31.73 -32.73
C ALA A 185 -5.31 -31.66 -32.37
N ASP A 186 -5.63 -31.38 -31.10
CA ASP A 186 -7.03 -31.27 -30.71
C ASP A 186 -7.72 -30.13 -31.43
N TYR A 187 -7.03 -28.99 -31.55
CA TYR A 187 -7.64 -27.84 -32.20
C TYR A 187 -8.00 -28.17 -33.64
N GLU A 188 -7.12 -28.86 -34.36
CA GLU A 188 -7.38 -29.19 -35.76
C GLU A 188 -8.41 -30.31 -35.93
N LYS A 189 -8.86 -30.96 -34.86
CA LYS A 189 -9.92 -31.96 -34.95
C LYS A 189 -11.31 -31.36 -34.93
N HIS A 190 -11.45 -30.08 -34.58
CA HIS A 190 -12.77 -29.51 -34.36
C HIS A 190 -12.96 -28.25 -35.20
N LYS A 191 -14.23 -27.92 -35.44
CA LYS A 191 -14.60 -26.84 -36.34
C LYS A 191 -15.09 -25.60 -35.59
N VAL A 192 -16.12 -25.74 -34.76
CA VAL A 192 -16.84 -24.60 -34.21
C VAL A 192 -16.35 -24.31 -32.79
N TYR A 193 -15.82 -23.12 -32.58
CA TYR A 193 -15.34 -22.67 -31.28
C TYR A 193 -16.22 -21.53 -30.81
N ALA A 194 -16.88 -21.70 -29.67
CA ALA A 194 -17.87 -20.74 -29.23
C ALA A 194 -17.66 -20.35 -27.78
N CYS A 195 -17.76 -19.06 -27.46
N CYS A 195 -17.87 -19.06 -27.52
CA CYS A 195 -17.84 -18.69 -26.05
CA CYS A 195 -17.88 -18.48 -26.20
C CYS A 195 -19.22 -18.11 -25.78
C CYS A 195 -19.34 -18.13 -25.86
N GLU A 196 -19.85 -18.65 -24.74
CA GLU A 196 -21.22 -18.34 -24.33
C GLU A 196 -21.17 -17.49 -23.08
N VAL A 197 -21.90 -16.38 -23.08
CA VAL A 197 -21.79 -15.37 -22.04
C VAL A 197 -23.16 -15.17 -21.41
N THR A 198 -23.20 -15.19 -20.09
CA THR A 198 -24.37 -14.86 -19.31
C THR A 198 -24.02 -13.68 -18.41
N HIS A 199 -24.84 -12.64 -18.46
CA HIS A 199 -24.61 -11.44 -17.67
C HIS A 199 -25.93 -10.72 -17.46
N GLN A 200 -26.06 -10.04 -16.32
CA GLN A 200 -27.31 -9.37 -15.96
C GLN A 200 -27.77 -8.37 -17.02
N GLY A 201 -26.83 -7.75 -17.73
CA GLY A 201 -27.17 -6.76 -18.74
C GLY A 201 -27.67 -7.33 -20.03
N LEU A 202 -27.61 -8.65 -20.18
CA LEU A 202 -28.10 -9.35 -21.36
C LEU A 202 -29.43 -10.03 -21.01
N SER A 203 -30.43 -9.88 -21.89
CA SER A 203 -31.72 -10.47 -21.53
C SER A 203 -31.66 -11.99 -21.49
N SER A 204 -30.72 -12.61 -22.21
CA SER A 204 -30.54 -14.05 -22.14
C SER A 204 -29.11 -14.37 -22.58
N PRO A 205 -28.63 -15.59 -22.34
CA PRO A 205 -27.25 -15.92 -22.74
C PRO A 205 -27.00 -15.72 -24.23
N VAL A 206 -25.77 -15.30 -24.54
CA VAL A 206 -25.39 -15.01 -25.92
C VAL A 206 -24.17 -15.84 -26.28
N THR A 207 -23.94 -15.99 -27.58
CA THR A 207 -22.79 -16.74 -28.03
C THR A 207 -22.09 -16.01 -29.17
N LYS A 208 -20.77 -16.04 -29.13
CA LYS A 208 -19.89 -15.57 -30.19
C LYS A 208 -19.01 -16.76 -30.60
N SER A 209 -18.90 -17.04 -31.90
CA SER A 209 -18.15 -18.19 -32.34
C SER A 209 -17.39 -17.89 -33.62
N PHE A 210 -16.47 -18.80 -33.94
CA PHE A 210 -15.84 -18.85 -35.24
C PHE A 210 -15.70 -20.31 -35.65
N ASN A 211 -15.57 -20.53 -36.96
CA ASN A 211 -15.21 -21.83 -37.50
C ASN A 211 -13.73 -21.81 -37.83
N ARG A 212 -13.00 -22.82 -37.36
CA ARG A 212 -11.57 -22.92 -37.64
C ARG A 212 -11.30 -22.86 -39.14
N GLY A 213 -10.41 -21.95 -39.53
CA GLY A 213 -10.00 -21.81 -40.91
C GLY A 213 -10.78 -20.79 -41.71
N GLU A 214 -11.81 -20.18 -41.14
CA GLU A 214 -12.61 -19.20 -41.89
C GLU A 214 -12.41 -17.79 -41.36
N GLN B 1 11.56 17.22 -7.58
CA GLN B 1 10.79 16.64 -6.48
C GLN B 1 11.40 15.31 -6.00
N VAL B 2 11.18 14.98 -4.72
CA VAL B 2 11.75 13.76 -4.14
C VAL B 2 11.17 12.50 -4.79
N GLN B 3 12.05 11.63 -5.28
CA GLN B 3 11.65 10.38 -5.91
C GLN B 3 12.47 9.23 -5.33
N LEU B 4 11.82 8.09 -5.14
CA LEU B 4 12.44 6.89 -4.61
C LEU B 4 12.31 5.76 -5.64
N GLN B 5 13.32 4.89 -5.67
CA GLN B 5 13.30 3.79 -6.64
C GLN B 5 13.99 2.58 -6.04
N GLU B 6 13.24 1.47 -5.94
CA GLU B 6 13.79 0.20 -5.48
C GLU B 6 14.54 -0.49 -6.60
N SER B 7 15.58 -1.22 -6.24
CA SER B 7 16.33 -2.04 -7.17
C SER B 7 16.78 -3.32 -6.48
N GLY B 8 16.99 -4.36 -7.26
CA GLY B 8 17.46 -5.63 -6.74
C GLY B 8 16.78 -6.81 -7.41
N PRO B 9 17.25 -8.02 -7.13
CA PRO B 9 16.73 -9.20 -7.83
C PRO B 9 15.25 -9.43 -7.57
N GLY B 10 14.54 -9.90 -8.61
CA GLY B 10 13.14 -10.26 -8.55
C GLY B 10 12.88 -11.70 -8.23
N LEU B 11 13.91 -12.51 -8.14
CA LEU B 11 13.77 -13.94 -7.90
C LEU B 11 14.88 -14.38 -6.97
N VAL B 12 14.51 -15.01 -5.84
CA VAL B 12 15.44 -15.45 -4.81
C VAL B 12 15.09 -16.88 -4.42
N LYS B 13 16.12 -17.74 -4.25
CA LYS B 13 15.84 -19.10 -3.85
C LYS B 13 15.57 -19.21 -2.35
N PRO B 14 14.73 -20.15 -1.94
CA PRO B 14 14.48 -20.39 -0.52
C PRO B 14 15.78 -20.60 0.25
N SER B 15 15.83 -20.02 1.45
CA SER B 15 16.90 -20.01 2.44
C SER B 15 17.98 -19.02 2.11
N GLU B 16 18.00 -18.43 0.91
CA GLU B 16 18.98 -17.45 0.55
C GLU B 16 18.57 -16.08 1.08
N THR B 17 19.35 -15.07 0.73
CA THR B 17 19.22 -13.73 1.27
C THR B 17 18.69 -12.79 0.19
N LEU B 18 17.63 -12.05 0.54
CA LEU B 18 17.04 -11.02 -0.31
C LEU B 18 17.75 -9.71 -0.01
N SER B 19 18.21 -9.02 -1.06
CA SER B 19 18.83 -7.70 -0.91
C SER B 19 18.17 -6.72 -1.87
N LEU B 20 17.73 -5.57 -1.34
CA LEU B 20 17.18 -4.50 -2.15
C LEU B 20 17.83 -3.18 -1.77
N THR B 21 17.88 -2.27 -2.75
CA THR B 21 18.37 -0.92 -2.51
C THR B 21 17.33 0.09 -2.94
N CYS B 22 17.19 1.15 -2.15
CA CYS B 22 16.38 2.30 -2.52
C CYS B 22 17.31 3.46 -2.88
N THR B 23 17.11 4.03 -4.06
CA THR B 23 17.88 5.19 -4.50
C THR B 23 16.98 6.41 -4.46
N VAL B 24 17.44 7.45 -3.77
CA VAL B 24 16.67 8.68 -3.58
C VAL B 24 17.20 9.73 -4.53
N SER B 25 16.31 10.43 -5.21
N SER B 25 16.29 10.41 -5.24
CA SER B 25 16.71 11.54 -6.06
CA SER B 25 16.62 11.49 -6.15
C SER B 25 15.81 12.73 -5.77
C SER B 25 15.80 12.72 -5.76
N GLY B 26 16.31 13.91 -6.10
CA GLY B 26 15.57 15.12 -5.85
C GLY B 26 15.49 15.52 -4.40
N GLY B 27 16.25 14.87 -3.55
CA GLY B 27 16.36 15.21 -2.14
C GLY B 27 17.47 14.39 -1.51
N SER B 28 17.76 14.69 -0.27
CA SER B 28 18.85 14.02 0.42
C SER B 28 18.29 13.01 1.40
N ILE B 29 19.04 11.93 1.61
CA ILE B 29 18.79 11.01 2.71
C ILE B 29 18.86 11.75 4.04
N SER B 30 19.81 12.69 4.14
CA SER B 30 20.11 13.29 5.42
C SER B 30 18.95 14.09 5.95
N SER B 31 18.74 13.95 7.26
CA SER B 31 17.77 14.58 8.13
C SER B 31 16.49 13.77 8.27
N TYR B 32 16.32 12.70 7.47
CA TYR B 32 15.05 11.98 7.47
C TYR B 32 15.18 10.53 7.97
N TYR B 33 14.03 9.98 8.35
CA TYR B 33 13.82 8.55 8.50
C TYR B 33 13.40 7.90 7.17
N TRP B 34 13.81 6.66 6.98
CA TRP B 34 13.58 5.88 5.76
C TRP B 34 13.10 4.49 6.14
N SER B 35 12.21 3.91 5.32
CA SER B 35 11.51 2.72 5.78
C SER B 35 11.28 1.74 4.63
N TRP B 36 11.16 0.45 4.97
CA TRP B 36 10.76 -0.60 4.05
C TRP B 36 9.44 -1.20 4.49
N ILE B 37 8.53 -1.41 3.51
CA ILE B 37 7.19 -1.93 3.74
C ILE B 37 6.92 -2.94 2.64
N ARG B 38 6.29 -4.05 2.96
CA ARG B 38 6.03 -5.04 1.92
C ARG B 38 4.56 -5.46 1.86
N GLN B 39 4.18 -6.07 0.73
CA GLN B 39 2.77 -6.36 0.45
C GLN B 39 2.74 -7.65 -0.39
N PRO B 40 2.44 -8.79 0.22
CA PRO B 40 2.31 -10.01 -0.55
C PRO B 40 1.21 -9.86 -1.59
N PRO B 41 1.31 -10.55 -2.72
CA PRO B 41 0.29 -10.40 -3.78
C PRO B 41 -1.11 -10.69 -3.24
N GLY B 42 -2.00 -9.73 -3.46
CA GLY B 42 -3.38 -9.86 -3.03
C GLY B 42 -3.65 -9.64 -1.55
N LYS B 43 -2.65 -9.24 -0.77
CA LYS B 43 -2.78 -9.12 0.69
C LYS B 43 -2.48 -7.70 1.13
N GLY B 44 -2.46 -7.49 2.45
CA GLY B 44 -2.22 -6.19 3.04
C GLY B 44 -0.74 -5.88 3.22
N LEU B 45 -0.51 -4.76 3.89
CA LEU B 45 0.81 -4.18 4.06
C LEU B 45 1.42 -4.60 5.38
N GLU B 46 2.74 -4.77 5.37
CA GLU B 46 3.50 -5.13 6.56
C GLU B 46 4.72 -4.23 6.66
N TRP B 47 4.85 -3.54 7.79
CA TRP B 47 5.99 -2.67 8.03
C TRP B 47 7.20 -3.54 8.44
N ILE B 48 8.33 -3.32 7.80
CA ILE B 48 9.54 -4.13 8.04
C ILE B 48 10.46 -3.44 9.06
N GLY B 49 10.74 -2.17 8.86
CA GLY B 49 11.61 -1.44 9.75
C GLY B 49 11.90 -0.07 9.20
N TYR B 50 12.56 0.74 10.03
CA TYR B 50 13.08 2.02 9.55
C TYR B 50 14.52 2.21 9.96
N ILE B 51 15.13 3.21 9.33
CA ILE B 51 16.47 3.67 9.67
C ILE B 51 16.47 5.19 9.65
N TYR B 52 17.03 5.81 10.69
CA TYR B 52 17.30 7.23 10.69
C TYR B 52 18.56 7.47 9.87
N TYR B 53 18.66 8.65 9.25
CA TYR B 53 19.79 8.88 8.35
C TYR B 53 21.13 8.66 9.03
N SER B 54 21.21 8.93 10.34
CA SER B 54 22.46 8.80 11.07
C SER B 54 22.70 7.39 11.62
N GLY B 55 21.80 6.45 11.37
CA GLY B 55 22.10 5.04 11.51
C GLY B 55 21.22 4.24 12.46
N SER B 56 20.48 4.87 13.40
CA SER B 56 19.68 4.09 14.32
C SER B 56 18.51 3.42 13.59
N THR B 57 18.16 2.23 14.05
CA THR B 57 17.16 1.41 13.38
C THR B 57 16.12 0.89 14.36
N LYS B 58 14.98 0.50 13.81
CA LYS B 58 13.95 -0.22 14.55
C LYS B 58 13.28 -1.19 13.57
N TYR B 59 13.18 -2.45 13.95
CA TYR B 59 12.63 -3.47 13.10
C TYR B 59 11.36 -4.08 13.68
N ASN B 60 10.53 -4.61 12.79
CA ASN B 60 9.38 -5.37 13.22
C ASN B 60 9.85 -6.61 14.00
N PRO B 61 9.41 -6.80 15.25
CA PRO B 61 9.96 -7.92 16.04
C PRO B 61 9.80 -9.28 15.39
N SER B 62 8.78 -9.47 14.55
CA SER B 62 8.59 -10.77 13.93
C SER B 62 9.64 -11.04 12.87
N LEU B 63 10.32 -10.01 12.40
CA LEU B 63 11.33 -10.14 11.37
C LEU B 63 12.73 -9.85 11.89
N LYS B 64 12.84 -9.36 13.13
CA LYS B 64 14.12 -8.85 13.63
C LYS B 64 15.28 -9.82 13.43
N SER B 65 15.06 -11.12 13.64
CA SER B 65 16.14 -12.10 13.52
C SER B 65 16.72 -12.18 12.11
N ARG B 66 16.03 -11.64 11.11
CA ARG B 66 16.39 -11.82 9.71
C ARG B 66 16.66 -10.53 8.97
N VAL B 67 16.35 -9.38 9.57
CA VAL B 67 16.35 -8.09 8.87
C VAL B 67 17.58 -7.26 9.21
N THR B 68 18.12 -6.60 8.19
CA THR B 68 19.09 -5.54 8.36
C THR B 68 18.72 -4.42 7.42
N ILE B 69 18.63 -3.21 7.94
CA ILE B 69 18.49 -2.02 7.13
C ILE B 69 19.74 -1.18 7.34
N SER B 70 20.29 -0.65 6.26
CA SER B 70 21.53 0.10 6.31
C SER B 70 21.35 1.32 5.42
N VAL B 71 22.17 2.34 5.67
CA VAL B 71 22.07 3.60 4.97
C VAL B 71 23.47 3.98 4.47
N ASP B 72 23.52 4.55 3.26
CA ASP B 72 24.76 4.99 2.62
C ASP B 72 24.52 6.42 2.14
N THR B 73 24.83 7.40 2.99
CA THR B 73 24.59 8.79 2.61
C THR B 73 25.45 9.20 1.43
N SER B 74 26.62 8.57 1.27
CA SER B 74 27.55 8.98 0.21
C SER B 74 26.94 8.74 -1.17
N LYS B 75 26.03 7.77 -1.28
CA LYS B 75 25.35 7.43 -2.53
C LYS B 75 23.86 7.75 -2.50
N ASN B 76 23.38 8.38 -1.43
CA ASN B 76 21.98 8.75 -1.30
C ASN B 76 21.07 7.53 -1.45
N GLN B 77 21.44 6.44 -0.77
CA GLN B 77 20.76 5.16 -0.84
C GLN B 77 20.54 4.63 0.57
N PHE B 78 19.55 3.75 0.71
CA PHE B 78 19.46 2.87 1.88
C PHE B 78 18.99 1.51 1.38
N SER B 79 19.26 0.47 2.18
CA SER B 79 19.14 -0.90 1.69
C SER B 79 18.46 -1.79 2.71
N LEU B 80 17.97 -2.93 2.22
CA LEU B 80 17.32 -3.95 3.02
C LEU B 80 18.01 -5.29 2.77
N LYS B 81 18.33 -6.01 3.84
CA LYS B 81 18.83 -7.37 3.77
C LYS B 81 17.89 -8.25 4.60
N LEU B 82 17.34 -9.29 3.96
CA LEU B 82 16.40 -10.21 4.62
C LEU B 82 16.89 -11.64 4.40
N THR B 83 17.32 -12.30 5.49
CA THR B 83 17.95 -13.61 5.40
C THR B 83 16.93 -14.72 5.51
N SER B 84 17.35 -15.92 5.09
CA SER B 84 16.59 -17.17 5.25
C SER B 84 15.16 -17.07 4.70
N VAL B 85 15.04 -16.63 3.44
CA VAL B 85 13.70 -16.33 2.91
C VAL B 85 12.95 -17.62 2.59
N THR B 86 11.63 -17.52 2.63
CA THR B 86 10.73 -18.57 2.20
C THR B 86 9.65 -17.93 1.34
N ALA B 87 8.72 -18.77 0.86
CA ALA B 87 7.60 -18.26 0.09
C ALA B 87 6.76 -17.24 0.86
N ALA B 88 6.81 -17.26 2.19
CA ALA B 88 6.09 -16.22 2.96
C ALA B 88 6.67 -14.84 2.74
N ASP B 89 7.88 -14.75 2.18
CA ASP B 89 8.52 -13.47 1.92
C ASP B 89 8.29 -12.97 0.50
N THR B 90 7.58 -13.74 -0.32
CA THR B 90 7.22 -13.24 -1.66
C THR B 90 6.28 -12.06 -1.49
N ALA B 91 6.63 -10.93 -2.11
CA ALA B 91 5.90 -9.69 -1.86
C ALA B 91 6.44 -8.59 -2.76
N VAL B 92 5.63 -7.54 -2.93
CA VAL B 92 6.12 -6.27 -3.43
C VAL B 92 6.76 -5.52 -2.26
N TYR B 93 8.00 -5.11 -2.44
CA TYR B 93 8.74 -4.37 -1.41
C TYR B 93 8.81 -2.91 -1.79
N TYR B 94 8.35 -2.05 -0.88
CA TYR B 94 8.34 -0.60 -1.08
C TYR B 94 9.40 0.03 -0.20
N CYS B 95 10.12 0.98 -0.73
CA CYS B 95 10.82 1.89 0.16
C CYS B 95 10.00 3.16 0.30
N ALA B 96 10.18 3.85 1.42
CA ALA B 96 9.38 5.04 1.70
C ALA B 96 10.17 5.98 2.59
N ARG B 97 9.87 7.27 2.47
CA ARG B 97 10.36 8.26 3.43
C ARG B 97 9.34 8.45 4.52
N ILE B 98 9.81 8.63 5.75
CA ILE B 98 8.96 9.00 6.88
C ILE B 98 9.20 10.48 7.17
N TYR B 99 8.17 11.30 7.04
CA TYR B 99 8.32 12.72 7.32
C TYR B 99 6.97 13.39 7.46
N ASP B 100 6.79 14.17 8.53
CA ASP B 100 5.56 14.91 8.84
C ASP B 100 5.81 16.40 8.59
N SER B 101 5.31 16.89 7.46
CA SER B 101 5.51 18.29 7.08
C SER B 101 4.79 19.27 7.99
N SER B 102 3.86 18.81 8.84
CA SER B 102 3.19 19.70 9.78
C SER B 102 4.06 20.04 10.97
N GLY B 103 5.16 19.32 11.17
CA GLY B 103 6.06 19.62 12.28
C GLY B 103 5.71 18.93 13.58
N TYR B 104 4.78 17.99 13.55
CA TYR B 104 4.35 17.30 14.76
C TYR B 104 4.93 15.89 14.89
N TYR B 105 5.96 15.57 14.11
CA TYR B 105 6.76 14.35 14.25
C TYR B 105 6.01 13.06 13.96
N HIS B 106 4.83 13.11 13.31
CA HIS B 106 4.11 11.87 13.06
C HIS B 106 4.89 10.97 12.09
N PRO B 107 4.96 9.68 12.37
CA PRO B 107 5.66 8.77 11.45
C PRO B 107 4.78 8.38 10.27
N VAL B 108 4.60 9.30 9.36
CA VAL B 108 3.78 9.08 8.16
C VAL B 108 4.68 8.90 6.94
N PHE B 109 4.24 8.03 6.03
CA PHE B 109 5.02 7.69 4.84
C PHE B 109 4.61 8.66 3.74
N ASP B 110 5.42 9.71 3.53
CA ASP B 110 4.99 10.81 2.66
C ASP B 110 5.48 10.67 1.22
N TYR B 111 6.53 9.89 0.97
CA TYR B 111 6.95 9.56 -0.38
C TYR B 111 7.31 8.09 -0.45
N TRP B 112 6.94 7.44 -1.56
CA TRP B 112 7.08 6.01 -1.74
C TRP B 112 7.77 5.72 -3.06
N GLY B 113 8.53 4.63 -3.09
CA GLY B 113 8.95 4.04 -4.35
C GLY B 113 7.76 3.41 -5.08
N GLN B 114 8.05 2.90 -6.28
CA GLN B 114 7.00 2.26 -7.07
C GLN B 114 6.77 0.81 -6.66
N GLY B 115 7.63 0.25 -5.81
CA GLY B 115 7.52 -1.13 -5.40
C GLY B 115 8.24 -2.07 -6.34
N THR B 116 8.88 -3.10 -5.80
CA THR B 116 9.51 -4.11 -6.62
C THR B 116 9.09 -5.48 -6.10
N LEU B 117 8.60 -6.32 -7.01
CA LEU B 117 8.20 -7.68 -6.63
C LEU B 117 9.43 -8.57 -6.45
N VAL B 118 9.44 -9.32 -5.36
CA VAL B 118 10.42 -10.37 -5.17
C VAL B 118 9.66 -11.67 -4.98
N THR B 119 9.98 -12.66 -5.82
CA THR B 119 9.37 -13.97 -5.74
C THR B 119 10.40 -14.95 -5.18
N VAL B 120 10.03 -15.66 -4.12
CA VAL B 120 10.90 -16.66 -3.52
C VAL B 120 10.48 -18.02 -4.08
N SER B 121 11.38 -18.62 -4.85
CA SER B 121 11.06 -19.83 -5.59
C SER B 121 12.37 -20.51 -6.02
N SER B 122 12.31 -21.83 -6.12
N SER B 122 12.31 -21.83 -6.12
CA SER B 122 13.38 -22.63 -6.68
CA SER B 122 13.40 -22.62 -6.68
C SER B 122 13.37 -22.67 -8.20
C SER B 122 13.40 -22.62 -8.21
N ALA B 123 12.31 -22.19 -8.84
CA ALA B 123 12.19 -22.37 -10.28
C ALA B 123 13.04 -21.35 -11.03
N SER B 124 13.38 -21.71 -12.27
CA SER B 124 14.24 -20.88 -13.10
C SER B 124 13.42 -19.89 -13.92
N THR B 125 14.09 -18.81 -14.34
N THR B 125 14.09 -18.80 -14.32
CA THR B 125 13.44 -17.81 -15.17
CA THR B 125 13.45 -17.83 -15.19
C THR B 125 13.12 -18.37 -16.55
C THR B 125 13.07 -18.47 -16.53
N LYS B 126 11.96 -18.00 -17.09
CA LYS B 126 11.55 -18.39 -18.43
C LYS B 126 10.93 -17.18 -19.12
N GLY B 127 11.38 -16.88 -20.33
CA GLY B 127 10.86 -15.75 -21.04
C GLY B 127 9.57 -16.09 -21.77
N PRO B 128 8.73 -15.09 -22.01
CA PRO B 128 7.43 -15.36 -22.64
C PRO B 128 7.51 -15.45 -24.15
N SER B 129 6.48 -16.07 -24.72
CA SER B 129 6.17 -15.92 -26.13
C SER B 129 5.11 -14.84 -26.26
N VAL B 130 5.15 -14.10 -27.36
CA VAL B 130 4.19 -13.03 -27.59
C VAL B 130 3.45 -13.34 -28.88
N PHE B 131 2.14 -13.50 -28.79
CA PHE B 131 1.35 -13.77 -29.98
C PHE B 131 0.30 -12.69 -30.20
N PRO B 132 -0.05 -12.40 -31.45
CA PRO B 132 -1.06 -11.37 -31.69
C PRO B 132 -2.46 -11.91 -31.43
N LEU B 133 -3.33 -11.04 -30.94
CA LEU B 133 -4.77 -11.25 -30.91
C LEU B 133 -5.32 -10.32 -31.98
N ALA B 134 -5.43 -10.85 -33.21
CA ALA B 134 -5.65 -9.97 -34.34
C ALA B 134 -7.10 -9.51 -34.40
N PRO B 135 -7.34 -8.25 -34.78
CA PRO B 135 -8.71 -7.82 -34.99
C PRO B 135 -9.29 -8.54 -36.19
N SER B 136 -10.59 -8.79 -36.13
N SER B 136 -10.59 -8.80 -36.13
CA SER B 136 -11.28 -9.47 -37.22
CA SER B 136 -11.27 -9.49 -37.21
C SER B 136 -12.75 -9.15 -37.13
C SER B 136 -12.76 -9.16 -37.12
N SER B 137 -13.54 -9.80 -37.99
CA SER B 137 -14.99 -9.66 -37.94
C SER B 137 -15.57 -10.24 -36.66
N LYS B 138 -14.85 -11.13 -35.98
CA LYS B 138 -15.31 -11.69 -34.70
C LYS B 138 -14.82 -10.89 -33.50
N SER B 139 -14.00 -9.87 -33.73
CA SER B 139 -13.60 -8.91 -32.71
C SER B 139 -14.00 -7.50 -33.13
N THR B 140 -15.15 -7.38 -33.78
CA THR B 140 -15.68 -6.11 -34.25
C THR B 140 -17.12 -5.96 -33.76
N SER B 141 -17.39 -4.86 -33.08
CA SER B 141 -18.75 -4.51 -32.61
C SER B 141 -19.06 -3.15 -33.20
N GLY B 142 -19.60 -3.14 -34.42
CA GLY B 142 -19.95 -1.92 -35.10
C GLY B 142 -18.75 -1.07 -35.46
N GLY B 143 -18.70 0.14 -34.91
CA GLY B 143 -17.56 0.98 -35.16
C GLY B 143 -16.32 0.64 -34.37
N THR B 144 -16.39 -0.34 -33.45
CA THR B 144 -15.31 -0.62 -32.52
C THR B 144 -14.74 -2.02 -32.76
N ALA B 145 -13.42 -2.11 -32.85
CA ALA B 145 -12.73 -3.39 -32.94
C ALA B 145 -11.87 -3.59 -31.71
N ALA B 146 -11.64 -4.85 -31.35
CA ALA B 146 -10.71 -5.19 -30.28
C ALA B 146 -9.52 -5.95 -30.86
N LEU B 147 -8.34 -5.68 -30.32
CA LEU B 147 -7.13 -6.40 -30.68
C LEU B 147 -6.29 -6.49 -29.42
N GLY B 148 -5.24 -7.30 -29.49
CA GLY B 148 -4.46 -7.49 -28.28
C GLY B 148 -3.21 -8.29 -28.54
N CYS B 149 -2.52 -8.62 -27.44
CA CYS B 149 -1.35 -9.47 -27.45
C CYS B 149 -1.49 -10.47 -26.32
N LEU B 150 -1.16 -11.72 -26.61
CA LEU B 150 -1.13 -12.80 -25.64
C LEU B 150 0.33 -13.03 -25.23
N VAL B 151 0.62 -12.93 -23.94
CA VAL B 151 1.98 -13.03 -23.42
C VAL B 151 2.03 -14.31 -22.61
N LYS B 152 2.61 -15.36 -23.18
CA LYS B 152 2.38 -16.71 -22.69
C LYS B 152 3.67 -17.37 -22.19
N ASP B 153 3.54 -18.06 -21.06
CA ASP B 153 4.53 -19.02 -20.53
C ASP B 153 5.81 -18.35 -20.04
N TYR B 154 5.69 -17.50 -19.03
CA TYR B 154 6.86 -16.85 -18.45
C TYR B 154 6.92 -17.07 -16.95
N PHE B 155 8.11 -16.84 -16.40
CA PHE B 155 8.30 -16.94 -14.96
C PHE B 155 9.56 -16.16 -14.57
N PRO B 156 9.56 -15.44 -13.46
CA PRO B 156 8.46 -15.14 -12.56
C PRO B 156 7.69 -13.92 -13.08
N GLU B 157 6.70 -13.46 -12.32
CA GLU B 157 6.17 -12.13 -12.55
C GLU B 157 7.22 -11.07 -12.26
N PRO B 158 7.04 -9.85 -12.78
CA PRO B 158 5.96 -9.41 -13.67
C PRO B 158 6.39 -9.25 -15.12
N VAL B 159 5.40 -9.04 -15.98
CA VAL B 159 5.64 -8.47 -17.29
C VAL B 159 4.93 -7.15 -17.36
N THR B 160 5.49 -6.21 -18.12
CA THR B 160 4.80 -4.96 -18.42
C THR B 160 4.36 -4.95 -19.89
N VAL B 161 3.20 -4.36 -20.14
CA VAL B 161 2.71 -4.16 -21.50
C VAL B 161 2.29 -2.70 -21.65
N SER B 162 2.76 -2.07 -22.71
CA SER B 162 2.23 -0.77 -23.11
C SER B 162 1.81 -0.88 -24.57
N TRP B 163 1.13 0.15 -25.06
CA TRP B 163 0.71 0.17 -26.45
C TRP B 163 1.26 1.43 -27.11
N ASN B 164 1.89 1.24 -28.28
CA ASN B 164 2.44 2.34 -29.07
C ASN B 164 3.42 3.17 -28.25
N SER B 165 4.30 2.46 -27.54
CA SER B 165 5.33 3.07 -26.69
C SER B 165 4.71 4.07 -25.72
N GLY B 166 3.52 3.75 -25.23
CA GLY B 166 2.85 4.56 -24.23
C GLY B 166 1.93 5.62 -24.77
N ALA B 167 1.87 5.81 -26.10
CA ALA B 167 0.99 6.83 -26.65
C ALA B 167 -0.47 6.42 -26.61
N LEU B 168 -0.75 5.12 -26.55
CA LEU B 168 -2.10 4.60 -26.53
C LEU B 168 -2.38 4.05 -25.14
N THR B 169 -3.29 4.71 -24.42
CA THR B 169 -3.65 4.29 -23.07
C THR B 169 -5.15 4.11 -22.94
N SER B 170 -5.95 4.92 -23.63
CA SER B 170 -7.40 4.81 -23.50
C SER B 170 -7.89 3.50 -24.09
N GLY B 171 -8.78 2.83 -23.34
CA GLY B 171 -9.36 1.59 -23.78
C GLY B 171 -8.47 0.38 -23.63
N VAL B 172 -7.26 0.53 -23.09
CA VAL B 172 -6.37 -0.60 -22.85
C VAL B 172 -6.81 -1.32 -21.59
N HIS B 173 -6.85 -2.66 -21.67
CA HIS B 173 -7.01 -3.53 -20.49
C HIS B 173 -5.92 -4.57 -20.52
N THR B 174 -5.02 -4.49 -19.55
CA THR B 174 -4.00 -5.52 -19.37
C THR B 174 -4.43 -6.36 -18.19
N PHE B 175 -4.74 -7.63 -18.47
CA PHE B 175 -5.33 -8.49 -17.46
C PHE B 175 -4.30 -8.96 -16.46
N PRO B 176 -4.74 -9.22 -15.22
CA PRO B 176 -3.87 -9.94 -14.28
C PRO B 176 -3.43 -11.26 -14.87
N ALA B 177 -2.17 -11.61 -14.65
CA ALA B 177 -1.69 -12.90 -15.12
C ALA B 177 -2.42 -14.05 -14.42
N VAL B 178 -2.47 -15.19 -15.08
CA VAL B 178 -2.97 -16.41 -14.49
C VAL B 178 -1.82 -17.39 -14.43
N LEU B 179 -1.77 -18.16 -13.35
CA LEU B 179 -0.77 -19.21 -13.22
C LEU B 179 -1.33 -20.49 -13.84
N GLN B 180 -0.63 -21.03 -14.83
CA GLN B 180 -1.05 -22.25 -15.51
C GLN B 180 -0.56 -23.48 -14.74
N SER B 181 -1.12 -24.65 -15.09
CA SER B 181 -0.72 -25.87 -14.39
C SER B 181 0.74 -26.22 -14.65
N SER B 182 1.34 -25.69 -15.71
CA SER B 182 2.75 -25.84 -15.99
C SER B 182 3.64 -25.13 -14.98
N GLY B 183 3.08 -24.23 -14.16
CA GLY B 183 3.87 -23.38 -13.28
C GLY B 183 4.34 -22.11 -13.94
N LEU B 184 3.90 -21.82 -15.15
CA LEU B 184 4.26 -20.63 -15.88
C LEU B 184 3.04 -19.71 -15.95
N TYR B 185 3.30 -18.42 -16.01
CA TYR B 185 2.25 -17.42 -16.08
C TYR B 185 1.90 -17.11 -17.53
N SER B 186 0.68 -16.62 -17.72
N SER B 186 0.70 -16.58 -17.71
CA SER B 186 0.25 -16.07 -19.00
CA SER B 186 0.24 -16.09 -18.99
C SER B 186 -0.67 -14.89 -18.75
C SER B 186 -0.69 -14.91 -18.76
N LEU B 187 -0.63 -13.92 -19.64
CA LEU B 187 -1.57 -12.82 -19.57
C LEU B 187 -1.91 -12.36 -20.99
N SER B 188 -3.01 -11.60 -21.09
CA SER B 188 -3.34 -10.88 -22.32
C SER B 188 -3.48 -9.39 -22.03
N SER B 189 -3.19 -8.60 -23.04
CA SER B 189 -3.45 -7.17 -23.01
C SER B 189 -4.27 -6.85 -24.26
N VAL B 190 -5.38 -6.16 -24.09
CA VAL B 190 -6.26 -5.84 -25.21
C VAL B 190 -6.51 -4.33 -25.25
N VAL B 191 -6.97 -3.87 -26.41
CA VAL B 191 -7.36 -2.47 -26.57
C VAL B 191 -8.49 -2.41 -27.58
N THR B 192 -9.43 -1.51 -27.36
CA THR B 192 -10.47 -1.26 -28.36
C THR B 192 -10.14 0.02 -29.13
N VAL B 193 -10.39 -0.03 -30.43
CA VAL B 193 -10.07 1.08 -31.34
C VAL B 193 -11.20 1.21 -32.36
N PRO B 194 -11.34 2.39 -32.97
CA PRO B 194 -12.39 2.53 -33.99
C PRO B 194 -12.13 1.61 -35.17
N SER B 195 -13.21 0.98 -35.66
CA SER B 195 -13.07 0.06 -36.79
C SER B 195 -12.48 0.75 -38.00
N SER B 196 -12.90 1.99 -38.26
CA SER B 196 -12.45 2.71 -39.45
C SER B 196 -10.94 2.91 -39.48
N SER B 197 -10.28 2.87 -38.32
CA SER B 197 -8.84 3.14 -38.25
C SER B 197 -7.98 1.91 -38.42
N LEU B 198 -8.56 0.73 -38.70
CA LEU B 198 -7.79 -0.51 -38.64
C LEU B 198 -6.77 -0.63 -39.77
N GLY B 199 -7.07 -0.06 -40.93
CA GLY B 199 -6.12 -0.12 -42.02
C GLY B 199 -5.17 1.04 -42.10
N THR B 200 -5.24 1.98 -41.16
CA THR B 200 -4.52 3.23 -41.31
C THR B 200 -3.71 3.61 -40.07
N GLN B 201 -4.18 3.24 -38.88
CA GLN B 201 -3.39 3.42 -37.66
C GLN B 201 -2.69 2.10 -37.30
N THR B 202 -1.45 2.21 -36.86
CA THR B 202 -0.64 1.07 -36.45
C THR B 202 -0.77 0.84 -34.94
N TYR B 203 -0.87 -0.43 -34.55
CA TYR B 203 -0.99 -0.81 -33.14
C TYR B 203 0.11 -1.79 -32.77
N ILE B 204 0.94 -1.42 -31.80
CA ILE B 204 2.08 -2.21 -31.39
C ILE B 204 1.99 -2.42 -29.90
N CYS B 205 2.06 -3.68 -29.45
CA CYS B 205 2.18 -3.93 -28.02
C CYS B 205 3.66 -4.04 -27.65
N ASN B 206 4.06 -3.34 -26.61
CA ASN B 206 5.44 -3.31 -26.15
C ASN B 206 5.48 -4.16 -24.88
N VAL B 207 6.14 -5.31 -24.96
CA VAL B 207 6.15 -6.30 -23.89
C VAL B 207 7.55 -6.35 -23.30
N ASN B 208 7.64 -6.27 -21.96
CA ASN B 208 8.94 -6.39 -21.31
C ASN B 208 8.85 -7.38 -20.17
N HIS B 209 9.71 -8.40 -20.20
CA HIS B 209 9.85 -9.36 -19.12
C HIS B 209 11.31 -9.28 -18.69
N LYS B 210 11.56 -8.37 -17.77
CA LYS B 210 12.95 -8.11 -17.38
C LYS B 210 13.67 -9.31 -16.77
N PRO B 211 13.05 -10.17 -15.94
CA PRO B 211 13.79 -11.31 -15.38
C PRO B 211 14.48 -12.18 -16.41
N SER B 212 13.98 -12.24 -17.65
CA SER B 212 14.56 -13.03 -18.71
C SER B 212 15.22 -12.17 -19.77
N ASN B 213 15.23 -10.85 -19.59
CA ASN B 213 15.69 -9.90 -20.60
C ASN B 213 14.95 -10.07 -21.92
N THR B 214 13.64 -10.35 -21.85
CA THR B 214 12.81 -10.50 -23.04
C THR B 214 12.07 -9.20 -23.28
N LYS B 215 12.39 -8.51 -24.37
CA LYS B 215 11.71 -7.28 -24.74
C LYS B 215 11.22 -7.46 -26.17
N VAL B 216 9.92 -7.27 -26.39
CA VAL B 216 9.31 -7.48 -27.71
C VAL B 216 8.36 -6.34 -28.04
N ASP B 217 8.41 -5.87 -29.29
CA ASP B 217 7.42 -4.97 -29.87
C ASP B 217 6.72 -5.71 -30.99
N LYS B 218 5.42 -5.95 -30.85
CA LYS B 218 4.70 -6.79 -31.79
C LYS B 218 3.62 -5.92 -32.43
N ARG B 219 3.72 -5.70 -33.74
CA ARG B 219 2.64 -5.04 -34.46
C ARG B 219 1.50 -6.03 -34.66
N VAL B 220 0.28 -5.62 -34.32
CA VAL B 220 -0.91 -6.46 -34.43
C VAL B 220 -1.74 -5.95 -35.59
N GLU B 221 -1.93 -6.80 -36.60
CA GLU B 221 -2.64 -6.48 -37.83
C GLU B 221 -3.83 -7.42 -38.04
N PRO B 222 -4.86 -6.99 -38.80
CA PRO B 222 -5.84 -7.96 -39.31
C PRO B 222 -5.17 -9.09 -40.08
N SER C 1 -0.75 7.82 48.88
CA SER C 1 0.21 6.73 49.03
C SER C 1 0.03 5.78 47.87
N ASN C 2 0.91 4.76 47.79
CA ASN C 2 0.76 3.65 46.84
C ASN C 2 0.90 4.13 45.39
N MET C 3 1.91 4.98 45.15
CA MET C 3 2.08 5.62 43.85
C MET C 3 2.30 4.62 42.69
N ASN C 4 2.89 3.46 42.99
CA ASN C 4 3.24 2.44 41.99
C ASN C 4 4.31 2.99 41.05
N ASN C 5 4.26 2.63 39.76
CA ASN C 5 5.25 3.14 38.81
C ASN C 5 4.66 4.26 37.96
N THR C 6 4.23 5.32 38.66
CA THR C 6 3.56 6.47 38.07
C THR C 6 4.37 7.76 38.19
N ALA C 7 5.56 7.70 38.78
CA ALA C 7 6.40 8.87 38.94
C ALA C 7 7.15 9.21 37.66
N SER C 8 7.47 10.50 37.52
CA SER C 8 8.44 10.92 36.52
C SER C 8 9.79 10.25 36.76
N TRP C 9 10.47 9.94 35.66
CA TRP C 9 11.84 9.42 35.74
C TRP C 9 12.84 10.46 36.26
N PHE C 10 12.51 11.75 36.21
CA PHE C 10 13.45 12.83 36.46
C PHE C 10 12.99 13.72 37.60
N THR C 11 13.95 14.44 38.16
CA THR C 11 13.60 15.48 39.11
C THR C 11 12.89 16.62 38.39
N ALA C 12 12.23 17.46 39.17
CA ALA C 12 11.39 18.53 38.63
C ALA C 12 12.17 19.82 38.43
N LEU C 13 11.64 20.65 37.54
CA LEU C 13 12.07 22.04 37.39
C LEU C 13 11.14 22.91 38.24
N THR C 14 11.72 23.68 39.14
CA THR C 14 10.91 24.51 40.02
C THR C 14 10.72 25.89 39.42
N GLN C 15 9.49 26.35 39.40
CA GLN C 15 9.15 27.65 38.83
C GLN C 15 9.20 28.70 39.92
N HIS C 16 10.24 29.54 39.91
CA HIS C 16 10.39 30.60 40.90
C HIS C 16 9.74 31.91 40.48
N GLY C 17 9.41 32.08 39.20
CA GLY C 17 8.76 33.27 38.70
C GLY C 17 7.31 33.01 38.32
N LYS C 18 6.75 33.97 37.58
CA LYS C 18 5.34 33.94 37.24
C LYS C 18 5.06 33.51 35.81
N GLU C 19 6.08 33.11 35.05
CA GLU C 19 5.88 32.65 33.69
C GLU C 19 5.95 31.12 33.63
N ASP C 20 5.06 30.54 32.84
CA ASP C 20 5.05 29.09 32.63
C ASP C 20 6.36 28.64 32.01
N LEU C 21 6.65 27.36 32.20
CA LEU C 21 7.79 26.75 31.54
C LEU C 21 7.59 26.78 30.02
N LYS C 22 8.67 27.01 29.28
CA LYS C 22 8.67 26.85 27.84
C LYS C 22 10.10 26.70 27.33
N PHE C 23 10.24 26.02 26.19
CA PHE C 23 11.54 25.86 25.58
C PHE C 23 11.48 26.22 24.11
N PRO C 24 12.60 26.69 23.54
CA PRO C 24 12.70 26.77 22.07
C PRO C 24 12.41 25.42 21.42
N ARG C 25 11.86 25.46 20.20
CA ARG C 25 11.62 24.23 19.46
C ARG C 25 12.92 23.44 19.36
N GLY C 26 12.85 22.14 19.59
CA GLY C 26 14.02 21.29 19.57
C GLY C 26 14.74 21.13 20.89
N GLN C 27 14.32 21.88 21.92
CA GLN C 27 14.97 21.88 23.22
C GLN C 27 14.04 21.43 24.33
N GLY C 28 14.64 21.05 25.47
CA GLY C 28 13.89 20.79 26.69
C GLY C 28 13.75 19.34 27.11
N VAL C 29 14.01 18.36 26.22
CA VAL C 29 13.92 16.95 26.62
C VAL C 29 15.09 16.61 27.55
N PRO C 30 14.85 16.02 28.72
CA PRO C 30 15.98 15.67 29.62
C PRO C 30 16.91 14.66 28.97
N ILE C 31 18.19 14.73 29.33
CA ILE C 31 19.16 13.76 28.85
C ILE C 31 18.86 12.39 29.45
N ASN C 32 18.84 11.36 28.61
CA ASN C 32 18.65 9.98 29.07
C ASN C 32 19.38 9.08 28.08
N THR C 33 20.59 8.62 28.46
CA THR C 33 21.39 7.82 27.54
C THR C 33 20.79 6.45 27.26
N ASN C 34 19.84 5.99 28.07
CA ASN C 34 19.14 4.73 27.82
C ASN C 34 17.95 4.90 26.90
N SER C 35 18.01 5.84 25.97
CA SER C 35 16.92 6.06 25.03
C SER C 35 17.51 6.45 23.69
N SER C 36 16.68 6.33 22.66
CA SER C 36 17.07 6.49 21.27
C SER C 36 16.49 7.78 20.71
N PRO C 37 16.94 8.22 19.52
CA PRO C 37 16.46 9.52 19.02
C PRO C 37 14.96 9.60 18.88
N ASP C 38 14.31 8.50 18.48
CA ASP C 38 12.87 8.54 18.31
C ASP C 38 12.12 8.72 19.62
N ASP C 39 12.75 8.43 20.75
CA ASP C 39 12.15 8.55 22.08
C ASP C 39 12.08 9.97 22.60
N GLN C 40 12.79 10.92 21.98
CA GLN C 40 13.08 12.21 22.65
C GLN C 40 11.92 13.20 22.48
N ILE C 41 10.82 12.94 23.17
CA ILE C 41 9.60 13.74 22.99
C ILE C 41 8.68 13.48 24.17
N GLY C 42 8.09 14.56 24.69
CA GLY C 42 7.21 14.41 25.84
C GLY C 42 6.69 15.73 26.31
N TYR C 43 6.18 15.76 27.54
CA TYR C 43 5.59 16.96 28.10
C TYR C 43 6.14 17.19 29.50
N TYR C 44 6.11 18.45 29.92
CA TYR C 44 6.24 18.80 31.33
C TYR C 44 4.85 19.11 31.86
N ARG C 45 4.57 18.62 33.07
CA ARG C 45 3.28 18.84 33.70
C ARG C 45 3.51 19.59 35.00
N ARG C 46 2.76 20.68 35.17
CA ARG C 46 2.83 21.50 36.38
C ARG C 46 2.18 20.76 37.54
N ALA C 47 2.90 20.65 38.65
CA ALA C 47 2.39 20.05 39.87
C ALA C 47 2.36 21.14 40.92
N THR C 48 1.19 21.39 41.48
CA THR C 48 1.02 22.37 42.53
C THR C 48 0.96 21.67 43.89
N ARG C 49 1.41 22.40 44.90
CA ARG C 49 1.38 21.96 46.29
C ARG C 49 0.84 23.08 47.15
N ARG C 50 0.05 22.73 48.16
CA ARG C 50 -0.43 23.70 49.13
C ARG C 50 0.18 23.40 50.49
N ILE C 51 0.40 24.47 51.28
CA ILE C 51 0.78 24.34 52.68
C ILE C 51 0.08 25.42 53.49
N ARG C 52 -0.08 25.13 54.78
CA ARG C 52 -0.61 26.12 55.72
C ARG C 52 0.43 27.21 55.96
N GLY C 53 0.05 28.46 55.71
CA GLY C 53 0.94 29.58 55.95
C GLY C 53 0.99 29.99 57.41
N GLY C 54 1.95 30.87 57.70
CA GLY C 54 2.13 31.34 59.06
C GLY C 54 0.94 32.10 59.63
N ASP C 55 0.06 32.61 58.76
CA ASP C 55 -1.14 33.28 59.21
C ASP C 55 -2.33 32.34 59.37
N GLY C 56 -2.14 31.04 59.12
CA GLY C 56 -3.22 30.07 59.27
C GLY C 56 -4.04 29.82 58.02
N LYS C 57 -3.77 30.53 56.93
CA LYS C 57 -4.47 30.32 55.68
C LYS C 57 -3.62 29.50 54.72
N MET C 58 -4.30 28.71 53.89
CA MET C 58 -3.56 27.86 52.96
C MET C 58 -2.82 28.70 51.93
N LYS C 59 -1.68 28.16 51.47
CA LYS C 59 -0.75 28.90 50.64
C LYS C 59 -0.20 27.97 49.56
N ASP C 60 0.02 28.52 48.37
CA ASP C 60 0.66 27.76 47.31
C ASP C 60 2.18 27.81 47.48
N LEU C 61 2.83 26.66 47.34
CA LEU C 61 4.27 26.64 47.12
C LEU C 61 4.55 26.84 45.64
N SER C 62 5.83 27.04 45.32
CA SER C 62 6.24 27.27 43.94
C SER C 62 5.89 26.04 43.10
N PRO C 63 5.31 26.21 41.92
CA PRO C 63 4.98 25.05 41.09
C PRO C 63 6.23 24.29 40.70
N ARG C 64 6.07 22.98 40.51
CA ARG C 64 7.15 22.12 40.06
C ARG C 64 6.71 21.45 38.78
N TRP C 65 7.58 21.44 37.78
CA TRP C 65 7.26 20.91 36.46
C TRP C 65 8.00 19.59 36.27
N TYR C 66 7.26 18.51 36.01
CA TYR C 66 7.83 17.17 35.88
C TYR C 66 7.72 16.70 34.45
N PHE C 67 8.81 16.12 33.92
CA PHE C 67 8.82 15.59 32.55
C PHE C 67 8.31 14.16 32.47
N TYR C 68 7.45 13.90 31.47
CA TYR C 68 6.99 12.56 31.11
C TYR C 68 7.18 12.35 29.62
N TYR C 69 7.68 11.18 29.25
CA TYR C 69 7.73 10.83 27.83
C TYR C 69 6.32 10.81 27.25
N LEU C 70 6.23 11.18 25.98
CA LEU C 70 4.97 11.17 25.24
C LEU C 70 4.26 9.86 25.46
N GLY C 71 2.95 9.91 25.73
CA GLY C 71 2.20 8.69 25.87
C GLY C 71 2.38 7.95 27.18
N THR C 72 3.03 8.58 28.17
CA THR C 72 3.18 8.00 29.49
C THR C 72 2.69 9.01 30.53
N GLY C 73 2.57 8.55 31.76
CA GLY C 73 2.34 9.43 32.87
C GLY C 73 0.90 9.88 33.00
N PRO C 74 0.67 10.93 33.77
CA PRO C 74 -0.72 11.35 34.03
C PRO C 74 -1.48 11.75 32.78
N GLU C 75 -0.80 12.30 31.77
CA GLU C 75 -1.44 12.67 30.51
C GLU C 75 -1.03 11.73 29.39
N ALA C 76 -0.97 10.43 29.69
CA ALA C 76 -0.58 9.44 28.68
C ALA C 76 -1.47 9.49 27.43
N GLY C 77 -2.74 9.80 27.60
CA GLY C 77 -3.63 9.80 26.46
C GLY C 77 -3.68 11.08 25.64
N LEU C 78 -2.90 12.10 26.02
CA LEU C 78 -2.96 13.42 25.40
C LEU C 78 -2.09 13.46 24.16
N PRO C 79 -2.58 13.95 23.02
CA PRO C 79 -1.73 14.02 21.82
C PRO C 79 -0.65 15.08 21.97
N TYR C 80 0.53 14.76 21.44
CA TYR C 80 1.61 15.74 21.34
C TYR C 80 1.09 17.06 20.78
N GLY C 81 1.44 18.14 21.45
CA GLY C 81 1.05 19.46 21.00
C GLY C 81 -0.33 19.91 21.39
N ALA C 82 -1.12 19.08 22.07
CA ALA C 82 -2.45 19.52 22.50
C ALA C 82 -2.32 20.69 23.47
N ASN C 83 -3.16 21.68 23.28
CA ASN C 83 -3.13 22.88 24.11
C ASN C 83 -3.91 22.60 25.39
N LYS C 84 -3.21 22.31 26.48
CA LYS C 84 -3.87 21.97 27.73
C LYS C 84 -3.15 22.67 28.87
N ASP C 85 -3.91 23.35 29.71
CA ASP C 85 -3.31 24.13 30.80
C ASP C 85 -2.47 23.23 31.71
N GLY C 86 -1.31 23.74 32.12
CA GLY C 86 -0.37 22.99 32.93
C GLY C 86 0.48 21.99 32.17
N ILE C 87 0.35 21.91 30.85
CA ILE C 87 1.11 20.99 30.01
C ILE C 87 1.90 21.81 28.98
N ILE C 88 3.20 21.54 28.86
CA ILE C 88 3.96 22.10 27.75
C ILE C 88 4.75 20.98 27.08
N TRP C 89 4.93 21.10 25.78
CA TRP C 89 5.46 20.03 24.95
C TRP C 89 6.89 20.32 24.53
N VAL C 90 7.71 19.28 24.51
CA VAL C 90 9.09 19.38 24.05
C VAL C 90 9.44 18.16 23.19
N ALA C 91 10.36 18.39 22.24
CA ALA C 91 10.83 17.30 21.39
C ALA C 91 12.20 17.65 20.83
N THR C 92 13.06 16.65 20.69
CA THR C 92 14.35 16.81 20.04
C THR C 92 14.22 16.39 18.58
N GLU C 93 14.99 17.05 17.70
CA GLU C 93 15.04 16.59 16.32
C GLU C 93 15.34 15.09 16.28
N GLY C 94 14.60 14.34 15.45
CA GLY C 94 14.71 12.90 15.41
C GLY C 94 13.64 12.17 16.18
N ALA C 95 12.84 12.89 16.98
CA ALA C 95 11.73 12.27 17.70
C ALA C 95 10.68 11.74 16.73
N LEU C 96 9.96 10.73 17.18
CA LEU C 96 8.76 10.27 16.49
C LEU C 96 7.56 10.38 17.43
N ASN C 97 6.43 10.75 16.86
CA ASN C 97 5.18 10.94 17.61
C ASN C 97 4.52 9.57 17.78
N THR C 98 4.99 8.83 18.79
CA THR C 98 4.54 7.48 19.16
C THR C 98 4.64 7.40 20.67
N PRO C 99 3.77 6.63 21.34
CA PRO C 99 3.83 6.57 22.81
C PRO C 99 5.02 5.76 23.28
N LYS C 100 5.63 6.21 24.37
CA LYS C 100 6.89 5.60 24.84
C LYS C 100 6.61 4.59 25.95
N ASP C 101 5.74 3.63 25.63
CA ASP C 101 5.35 2.60 26.59
C ASP C 101 6.58 1.86 27.11
N HIS C 102 7.57 1.65 26.25
CA HIS C 102 8.74 0.86 26.61
C HIS C 102 9.59 1.54 27.65
N ILE C 103 9.50 2.86 27.77
CA ILE C 103 10.17 3.58 28.85
C ILE C 103 9.24 3.71 30.05
N GLY C 104 7.99 4.11 29.81
CA GLY C 104 7.02 4.20 30.88
C GLY C 104 7.40 5.21 31.95
N THR C 105 6.95 4.96 33.16
CA THR C 105 7.23 5.81 34.30
C THR C 105 7.93 5.02 35.40
N ARG C 106 8.25 5.73 36.48
CA ARG C 106 9.18 5.23 37.48
C ARG C 106 8.45 4.79 38.75
N ASN C 107 8.89 3.67 39.32
CA ASN C 107 8.46 3.27 40.65
C ASN C 107 9.52 3.73 41.65
N PRO C 108 9.25 4.72 42.49
CA PRO C 108 10.29 5.22 43.42
C PRO C 108 10.77 4.18 44.40
N ALA C 109 10.00 3.11 44.63
CA ALA C 109 10.48 2.04 45.49
C ALA C 109 11.65 1.31 44.88
N ASN C 110 11.79 1.35 43.55
CA ASN C 110 12.81 0.59 42.84
C ASN C 110 13.89 1.46 42.21
N ASN C 111 13.59 2.72 41.91
CA ASN C 111 14.53 3.61 41.24
C ASN C 111 14.42 5.02 41.80
N ALA C 112 15.57 5.66 42.04
CA ALA C 112 15.56 7.06 42.43
C ALA C 112 15.32 7.94 41.19
N ALA C 113 15.03 9.21 41.45
CA ALA C 113 14.79 10.16 40.37
C ALA C 113 16.10 10.59 39.72
N ILE C 114 16.15 10.53 38.39
CA ILE C 114 17.32 10.98 37.65
C ILE C 114 17.42 12.49 37.72
N VAL C 115 18.57 13.01 38.14
CA VAL C 115 18.72 14.46 38.17
C VAL C 115 18.52 14.98 36.75
N LEU C 116 17.60 15.92 36.59
CA LEU C 116 17.23 16.43 35.27
C LEU C 116 18.38 17.28 34.74
N GLN C 117 18.91 16.87 33.60
CA GLN C 117 20.01 17.54 32.93
C GLN C 117 19.59 17.88 31.50
N LEU C 118 19.88 19.07 31.08
CA LEU C 118 19.67 19.51 29.71
C LEU C 118 21.00 19.68 28.99
N PRO C 119 21.04 19.45 27.67
CA PRO C 119 22.30 19.55 26.93
C PRO C 119 22.86 20.95 27.00
N GLN C 120 24.20 21.04 26.98
CA GLN C 120 24.84 22.34 26.95
C GLN C 120 24.31 23.13 25.77
N GLY C 121 24.05 24.40 25.98
CA GLY C 121 23.49 25.22 24.95
C GLY C 121 21.98 25.33 24.95
N THR C 122 21.31 24.65 25.88
CA THR C 122 19.87 24.85 26.03
C THR C 122 19.55 26.22 26.63
N THR C 123 18.60 26.94 26.01
CA THR C 123 18.10 28.14 26.67
C THR C 123 17.28 27.73 27.89
N LEU C 124 17.80 28.00 29.07
N LEU C 124 17.80 27.99 29.08
CA LEU C 124 17.02 27.79 30.28
CA LEU C 124 17.01 27.77 30.30
C LEU C 124 16.15 29.01 30.54
C LEU C 124 16.15 29.00 30.57
N PRO C 125 14.84 28.83 30.79
CA PRO C 125 13.95 29.99 30.88
C PRO C 125 14.03 30.69 32.23
N LYS C 126 13.65 31.96 32.21
CA LYS C 126 13.82 32.83 33.37
C LYS C 126 13.07 32.29 34.59
N GLY C 127 13.75 32.31 35.72
CA GLY C 127 13.13 31.91 36.97
C GLY C 127 12.98 30.43 37.17
N PHE C 128 13.69 29.59 36.40
CA PHE C 128 13.59 28.16 36.55
C PHE C 128 14.87 27.57 37.07
N TYR C 129 14.73 26.59 37.97
CA TYR C 129 15.85 25.93 38.64
C TYR C 129 15.65 24.41 38.61
#